data_5V5E
#
_entry.id   5V5E
#
_cell.length_a   73.400
_cell.length_b   96.840
_cell.length_c   119.080
_cell.angle_alpha   90.000
_cell.angle_beta   90.000
_cell.angle_gamma   90.000
#
_symmetry.space_group_name_H-M   'I 2 2 2'
#
loop_
_entity.id
_entity.type
_entity.pdbx_description
1 polymer 'ORF 17'
2 non-polymer '4-{[6-(cyclohexylmethyl)pyridine-2-carbonyl]amino}-3-{[3-(trifluoromethoxy)phenyl]amino}benzoic acid'
3 water water
#
_entity_poly.entity_id   1
_entity_poly.type   'polypeptide(L)'
_entity_poly.pdbx_seq_one_letter_code
;GLYVGGFVDVVSCPKLEQELYLDPDQVTDYLPVTEPLPITIEHLPETEVGWTLGLFQVSHGIFCTGAITSPAFLELASRL
ADTSHVARAPVKNLPKEPLLEILHTWLPGLSLSSIHPRELSQTPSGPVFQHVSLCALGRRRGTVAVYGHDAEWVVSRFSS
VSKSERAHILQHVSSCRLEDLSTPNFVSPLETL
;
_entity_poly.pdbx_strand_id   A,B
#
loop_
_chem_comp.id
_chem_comp.type
_chem_comp.name
_chem_comp.formula
8N4 non-polymer '4-{[6-(cyclohexylmethyl)pyridine-2-carbonyl]amino}-3-{[3-(trifluoromethoxy)phenyl]amino}benzoic acid' 'C27 H26 F3 N3 O4'
#
# COMPACT_ATOMS: atom_id res chain seq x y z
N GLY A 1 18.51 -1.44 11.27
CA GLY A 1 17.26 -0.91 11.79
C GLY A 1 17.37 0.54 12.22
N LEU A 2 16.52 1.38 11.65
CA LEU A 2 16.56 2.81 11.93
C LEU A 2 15.14 3.34 12.01
N TYR A 3 14.88 4.17 13.02
CA TYR A 3 13.56 4.77 13.22
C TYR A 3 13.55 6.21 12.75
N VAL A 4 12.37 6.68 12.34
CA VAL A 4 12.18 8.05 11.89
C VAL A 4 10.85 8.55 12.44
N GLY A 5 10.78 9.85 12.71
CA GLY A 5 9.56 10.44 13.22
C GLY A 5 9.50 11.92 12.95
N GLY A 6 8.29 12.45 12.97
CA GLY A 6 8.08 13.87 12.77
C GLY A 6 6.68 14.15 12.28
N PHE A 7 6.35 15.44 12.26
CA PHE A 7 5.07 15.88 11.72
C PHE A 7 5.16 15.97 10.20
N VAL A 8 4.04 15.67 9.54
CA VAL A 8 4.02 15.48 8.10
C VAL A 8 3.29 16.64 7.43
N ASP A 9 3.62 16.84 6.16
CA ASP A 9 2.80 17.63 5.25
C ASP A 9 1.95 16.67 4.42
N VAL A 10 0.69 17.05 4.21
CA VAL A 10 -0.26 16.23 3.46
C VAL A 10 -0.36 16.83 2.06
N VAL A 11 0.11 16.10 1.06
CA VAL A 11 0.12 16.56 -0.32
C VAL A 11 -0.70 15.60 -1.17
N SER A 12 -1.34 16.15 -2.20
CA SER A 12 -2.09 15.37 -3.18
C SER A 12 -1.51 15.63 -4.56
N CYS A 13 -1.38 14.58 -5.35
CA CYS A 13 -0.74 14.64 -6.65
C CYS A 13 0.63 15.32 -6.53
N PRO A 14 1.54 14.73 -5.76
CA PRO A 14 2.82 15.41 -5.48
C PRO A 14 3.69 15.50 -6.72
N LYS A 15 4.37 16.64 -6.86
CA LYS A 15 5.27 16.92 -7.98
C LYS A 15 4.56 16.83 -9.33
N LEU A 16 3.23 16.97 -9.34
CA LEU A 16 2.45 16.91 -10.56
C LEU A 16 1.55 18.14 -10.69
N GLU A 19 -0.47 19.57 -8.06
CA GLU A 19 -0.07 19.43 -6.66
C GLU A 19 -0.91 20.35 -5.78
N LEU A 20 -1.15 19.93 -4.54
CA LEU A 20 -2.01 20.69 -3.63
C LEU A 20 -1.70 20.28 -2.20
N TYR A 21 -1.23 21.23 -1.39
CA TYR A 21 -1.00 20.97 0.03
C TYR A 21 -2.32 21.10 0.79
N LEU A 22 -2.57 20.14 1.67
CA LEU A 22 -3.85 20.04 2.37
C LEU A 22 -3.69 20.40 3.83
N ASP A 23 -4.78 20.90 4.41
CA ASP A 23 -4.82 21.16 5.84
C ASP A 23 -4.96 19.85 6.61
N PRO A 24 -4.22 19.66 7.70
CA PRO A 24 -4.32 18.38 8.43
C PRO A 24 -5.75 17.99 8.76
N ASP A 25 -6.64 18.94 9.00
CA ASP A 25 -8.01 18.62 9.38
C ASP A 25 -8.81 17.99 8.25
N GLN A 26 -8.40 18.18 7.00
CA GLN A 26 -9.12 17.61 5.87
C GLN A 26 -9.02 16.09 5.83
N VAL A 27 -8.13 15.48 6.64
CA VAL A 27 -7.93 14.04 6.62
C VAL A 27 -7.97 13.43 8.00
N THR A 28 -8.21 14.23 9.06
CA THR A 28 -8.24 13.67 10.41
C THR A 28 -9.31 12.60 10.55
N ASP A 29 -10.39 12.70 9.75
CA ASP A 29 -11.46 11.71 9.84
C ASP A 29 -10.99 10.31 9.46
N TYR A 30 -9.84 10.19 8.80
CA TYR A 30 -9.33 8.91 8.33
C TYR A 30 -8.08 8.47 9.11
N LEU A 31 -7.82 9.08 10.26
CA LEU A 31 -6.73 8.71 11.15
C LEU A 31 -7.27 8.06 12.41
N PRO A 32 -6.47 7.23 13.10
CA PRO A 32 -5.08 6.86 12.80
C PRO A 32 -4.96 5.82 11.70
N VAL A 33 -3.74 5.66 11.16
CA VAL A 33 -3.44 4.64 10.17
C VAL A 33 -2.31 3.80 10.76
N THR A 34 -2.64 2.61 11.26
CA THR A 34 -1.67 1.70 11.83
C THR A 34 -1.22 0.63 10.85
N GLU A 35 -1.82 0.57 9.66
CA GLU A 35 -1.37 -0.38 8.65
C GLU A 35 -0.08 0.12 8.01
N PRO A 36 0.89 -0.76 7.73
CA PRO A 36 2.14 -0.29 7.13
C PRO A 36 1.92 0.35 5.77
N LEU A 37 2.40 1.57 5.63
CA LEU A 37 2.52 2.22 4.32
C LEU A 37 4.00 2.33 3.95
N PRO A 38 4.33 2.29 2.66
CA PRO A 38 5.74 2.30 2.27
C PRO A 38 6.37 3.67 2.43
N ILE A 39 7.61 3.69 2.88
CA ILE A 39 8.39 4.93 2.98
C ILE A 39 9.30 4.99 1.77
N THR A 40 9.03 5.92 0.88
CA THR A 40 9.81 6.14 -0.34
C THR A 40 10.54 7.48 -0.26
N ILE A 41 11.21 7.84 -1.34
CA ILE A 41 12.05 9.04 -1.39
C ILE A 41 11.52 9.94 -2.49
N GLU A 42 11.10 11.15 -2.12
CA GLU A 42 10.63 12.15 -3.07
C GLU A 42 9.54 11.58 -3.98
N HIS A 43 8.63 10.81 -3.38
CA HIS A 43 7.48 10.25 -4.09
C HIS A 43 7.90 9.44 -5.32
N LEU A 44 9.16 8.99 -5.35
CA LEU A 44 9.63 8.24 -6.51
C LEU A 44 9.28 6.77 -6.38
N PRO A 45 8.89 6.10 -7.45
CA PRO A 45 8.67 4.65 -7.38
C PRO A 45 9.99 3.91 -7.28
N GLU A 46 9.93 2.72 -6.67
CA GLU A 46 11.08 1.83 -6.52
C GLU A 46 12.15 2.41 -5.60
N THR A 47 11.78 3.33 -4.71
CA THR A 47 12.67 3.84 -3.69
C THR A 47 12.12 3.57 -2.29
N GLU A 48 11.34 2.50 -2.15
CA GLU A 48 10.89 2.07 -0.83
C GLU A 48 12.10 1.76 0.04
N VAL A 49 12.23 2.48 1.15
CA VAL A 49 13.31 2.26 2.10
C VAL A 49 12.80 1.75 3.44
N GLY A 50 11.49 1.65 3.61
CA GLY A 50 10.94 1.22 4.87
C GLY A 50 9.43 1.36 4.87
N TRP A 51 8.86 1.28 6.08
CA TRP A 51 7.41 1.25 6.23
C TRP A 51 6.99 2.12 7.41
N THR A 52 5.81 2.72 7.29
CA THR A 52 5.23 3.47 8.40
C THR A 52 4.80 2.52 9.50
N LEU A 53 4.95 2.98 10.75
CA LEU A 53 4.48 2.23 11.90
C LEU A 53 3.26 2.88 12.53
N GLY A 54 2.83 4.04 12.04
CA GLY A 54 1.64 4.68 12.57
C GLY A 54 1.54 6.15 12.21
N LEU A 55 0.37 6.56 11.72
CA LEU A 55 0.05 7.96 11.46
C LEU A 55 -1.04 8.36 12.44
N PHE A 56 -0.72 9.25 13.37
CA PHE A 56 -1.64 9.64 14.43
C PHE A 56 -1.91 11.14 14.38
N GLN A 57 -3.16 11.51 14.59
CA GLN A 57 -3.51 12.90 14.79
C GLN A 57 -3.24 13.27 16.25
N VAL A 58 -2.38 14.26 16.47
CA VAL A 58 -2.07 14.73 17.82
C VAL A 58 -2.40 16.21 17.91
N SER A 59 -1.97 16.85 18.99
CA SER A 59 -2.38 18.23 19.27
C SER A 59 -2.06 19.15 18.08
N HIS A 60 -0.84 19.09 17.57
CA HIS A 60 -0.35 20.06 16.60
C HIS A 60 -0.15 19.45 15.21
N GLY A 61 -1.00 18.49 14.82
CA GLY A 61 -0.98 17.98 13.46
C GLY A 61 -0.94 16.47 13.45
N ILE A 62 -0.42 15.94 12.34
CA ILE A 62 -0.36 14.50 12.09
C ILE A 62 1.09 14.05 12.27
N PHE A 63 1.32 13.18 13.25
CA PHE A 63 2.65 12.68 13.55
C PHE A 63 2.85 11.31 12.92
N CYS A 64 4.04 11.09 12.37
CA CYS A 64 4.40 9.84 11.72
C CYS A 64 5.57 9.20 12.43
N THR A 65 5.52 7.87 12.58
CA THR A 65 6.63 7.07 13.07
C THR A 65 6.80 5.89 12.13
N GLY A 66 8.02 5.72 11.61
CA GLY A 66 8.30 4.66 10.66
C GLY A 66 9.66 4.06 10.90
N ALA A 67 9.93 2.98 10.16
CA ALA A 67 11.19 2.26 10.23
C ALA A 67 11.86 2.25 8.88
N ILE A 68 13.17 2.46 8.86
CA ILE A 68 13.98 2.34 7.66
C ILE A 68 14.66 0.99 7.72
N THR A 69 14.23 0.07 6.85
CA THR A 69 14.67 -1.32 6.92
C THR A 69 15.48 -1.77 5.70
N SER A 70 15.53 -0.98 4.64
CA SER A 70 16.22 -1.40 3.42
C SER A 70 17.71 -1.59 3.70
N PRO A 71 18.25 -2.81 3.58
CA PRO A 71 19.71 -2.97 3.74
C PRO A 71 20.51 -2.16 2.74
N ALA A 72 20.10 -2.18 1.47
CA ALA A 72 20.84 -1.45 0.44
C ALA A 72 20.92 0.05 0.77
N PHE A 73 19.82 0.63 1.23
CA PHE A 73 19.82 2.06 1.53
C PHE A 73 20.68 2.36 2.76
N LEU A 74 20.51 1.59 3.84
CA LEU A 74 21.28 1.83 5.05
C LEU A 74 22.78 1.73 4.78
N GLU A 75 23.19 0.69 4.06
CA GLU A 75 24.62 0.52 3.77
C GLU A 75 25.15 1.64 2.90
N LEU A 76 24.38 2.05 1.89
CA LEU A 76 24.81 3.15 1.03
C LEU A 76 24.90 4.45 1.82
N ALA A 77 23.85 4.77 2.56
CA ALA A 77 23.86 5.99 3.36
C ALA A 77 25.01 6.00 4.36
N SER A 78 25.26 4.85 5.00
CA SER A 78 26.34 4.75 5.97
C SER A 78 27.69 5.00 5.31
N ARG A 79 27.90 4.44 4.11
N ARG A 79 27.90 4.44 4.12
CA ARG A 79 29.16 4.66 3.42
CA ARG A 79 29.17 4.65 3.41
C ARG A 79 29.36 6.13 3.08
C ARG A 79 29.36 6.13 3.09
N LEU A 80 28.32 6.77 2.55
CA LEU A 80 28.43 8.20 2.23
C LEU A 80 28.70 9.00 3.49
N ALA A 81 28.07 8.63 4.61
CA ALA A 81 28.26 9.37 5.84
C ALA A 81 29.69 9.27 6.35
N ASP A 82 30.35 8.15 6.10
CA ASP A 82 31.71 7.93 6.61
C ASP A 82 32.80 8.35 5.63
N THR A 83 32.48 8.50 4.34
CA THR A 83 33.51 8.62 3.33
C THR A 83 33.33 9.77 2.36
N SER A 84 32.19 10.48 2.38
CA SER A 84 31.87 11.50 1.38
C SER A 84 31.99 12.89 2.00
N HIS A 85 32.97 13.67 1.51
N HIS A 85 32.97 13.67 1.51
CA HIS A 85 33.07 15.06 1.94
CA HIS A 85 33.08 15.05 1.94
C HIS A 85 31.87 15.87 1.48
C HIS A 85 31.88 15.88 1.48
N VAL A 86 31.28 15.51 0.34
CA VAL A 86 30.13 16.25 -0.16
C VAL A 86 28.91 16.04 0.73
N ALA A 87 28.67 14.80 1.14
CA ALA A 87 27.54 14.52 2.02
C ALA A 87 27.71 15.18 3.37
N ARG A 88 28.95 15.38 3.81
CA ARG A 88 29.24 15.94 5.13
C ARG A 88 29.45 17.46 5.09
N ALA A 89 29.40 18.07 3.91
CA ALA A 89 29.64 19.51 3.82
C ALA A 89 28.61 20.33 4.59
N PRO A 90 27.31 20.07 4.48
CA PRO A 90 26.32 20.89 5.19
C PRO A 90 26.04 20.47 6.63
N VAL A 91 26.86 19.60 7.22
CA VAL A 91 26.65 19.15 8.59
CA VAL A 91 26.66 19.12 8.58
C VAL A 91 27.82 19.62 9.44
N LYS A 92 27.55 19.80 10.74
CA LYS A 92 28.59 20.20 11.66
C LYS A 92 29.76 19.24 11.58
N ASN A 93 30.95 19.75 11.92
CA ASN A 93 32.15 18.93 11.81
C ASN A 93 32.20 17.87 12.90
N LEU A 94 32.63 16.67 12.51
CA LEU A 94 32.92 15.58 13.44
C LEU A 94 31.71 15.22 14.30
N PRO A 95 30.57 14.90 13.71
CA PRO A 95 29.43 14.43 14.51
C PRO A 95 29.61 12.98 14.95
N LYS A 96 29.04 12.67 16.10
CA LYS A 96 29.15 11.31 16.64
C LYS A 96 28.38 10.32 15.77
N GLU A 97 27.22 10.72 15.24
CA GLU A 97 26.36 9.85 14.43
C GLU A 97 26.25 10.46 13.05
N PRO A 98 27.28 10.33 12.21
CA PRO A 98 27.22 10.96 10.88
C PRO A 98 26.05 10.48 10.04
N LEU A 99 25.66 9.21 10.18
CA LEU A 99 24.49 8.70 9.45
C LEU A 99 23.24 9.47 9.81
N LEU A 100 22.96 9.59 11.11
CA LEU A 100 21.74 10.27 11.55
C LEU A 100 21.75 11.73 11.14
N GLU A 101 22.87 12.41 11.36
CA GLU A 101 22.96 13.83 11.03
C GLU A 101 22.80 14.07 9.54
N ILE A 102 23.27 13.14 8.71
CA ILE A 102 23.19 13.34 7.27
C ILE A 102 21.76 13.12 6.78
N LEU A 103 21.09 12.08 7.27
CA LEU A 103 19.67 11.92 6.98
C LEU A 103 18.88 13.11 7.52
N HIS A 104 19.23 13.56 8.73
CA HIS A 104 18.56 14.70 9.34
C HIS A 104 18.70 15.94 8.48
N THR A 105 19.86 16.11 7.84
CA THR A 105 20.14 17.31 7.07
C THR A 105 19.66 17.21 5.62
N TRP A 106 19.84 16.05 4.99
CA TRP A 106 19.55 15.89 3.57
C TRP A 106 18.11 15.50 3.28
N LEU A 107 17.42 14.87 4.23
CA LEU A 107 16.02 14.45 4.06
C LEU A 107 15.21 14.93 5.24
N PRO A 108 15.00 16.25 5.36
CA PRO A 108 14.30 16.77 6.54
C PRO A 108 12.79 16.65 6.49
N GLY A 109 12.20 16.43 5.32
CA GLY A 109 10.76 16.49 5.15
C GLY A 109 10.11 15.13 5.09
N LEU A 110 8.96 15.01 5.77
CA LEU A 110 8.09 13.84 5.69
C LEU A 110 6.82 14.27 4.98
N SER A 111 6.63 13.81 3.74
CA SER A 111 5.49 14.19 2.92
C SER A 111 4.52 13.02 2.85
N LEU A 112 3.29 13.24 3.30
CA LEU A 112 2.25 12.22 3.27
C LEU A 112 1.44 12.37 1.99
N SER A 113 1.41 11.32 1.19
CA SER A 113 0.67 11.33 -0.07
C SER A 113 -0.81 11.03 0.19
N SER A 114 -1.68 11.75 -0.52
CA SER A 114 -3.11 11.63 -0.31
C SER A 114 -3.82 11.81 -1.63
N ILE A 115 -5.09 11.36 -1.67
CA ILE A 115 -5.95 11.58 -2.82
C ILE A 115 -6.41 13.03 -2.83
N HIS A 116 -7.05 13.45 -3.92
CA HIS A 116 -7.47 14.82 -4.05
C HIS A 116 -8.56 15.15 -3.02
N PRO A 117 -8.59 16.38 -2.50
CA PRO A 117 -9.62 16.72 -1.51
C PRO A 117 -11.05 16.58 -2.03
N ARG A 118 -11.27 16.80 -3.33
CA ARG A 118 -12.63 16.67 -3.86
C ARG A 118 -13.21 15.28 -3.62
N GLU A 119 -12.36 14.29 -3.40
CA GLU A 119 -12.80 12.92 -3.12
C GLU A 119 -12.90 12.64 -1.63
N LEU A 120 -12.58 13.61 -0.77
CA LEU A 120 -12.67 13.46 0.67
C LEU A 120 -13.94 14.07 1.25
N SER A 121 -14.41 15.19 0.69
CA SER A 121 -15.68 15.76 1.15
C SER A 121 -16.80 14.75 1.00
N GLN A 122 -16.78 13.96 -0.08
CA GLN A 122 -17.71 12.85 -0.25
C GLN A 122 -17.16 11.62 0.47
N THR A 123 -17.68 10.45 0.15
CA THR A 123 -17.18 9.21 0.75
C THR A 123 -16.14 8.61 -0.18
N PRO A 124 -14.89 8.47 0.25
CA PRO A 124 -13.87 7.94 -0.67
C PRO A 124 -14.07 6.46 -0.95
N SER A 125 -13.79 6.07 -2.20
CA SER A 125 -13.99 4.69 -2.59
C SER A 125 -12.82 3.80 -2.14
N GLY A 126 -11.60 4.31 -2.21
CA GLY A 126 -10.43 3.54 -1.86
C GLY A 126 -9.59 4.19 -0.78
N PRO A 127 -8.41 3.64 -0.53
CA PRO A 127 -7.55 4.19 0.54
C PRO A 127 -7.21 5.65 0.28
N VAL A 128 -7.16 6.42 1.37
CA VAL A 128 -6.92 7.86 1.25
C VAL A 128 -5.43 8.14 1.07
N PHE A 129 -4.58 7.35 1.72
CA PHE A 129 -3.15 7.58 1.70
C PHE A 129 -2.45 6.48 0.91
N GLN A 130 -1.37 6.85 0.24
CA GLN A 130 -0.59 5.94 -0.60
C GLN A 130 0.77 5.61 -0.01
N HIS A 131 1.47 6.58 0.55
CA HIS A 131 2.81 6.37 1.06
C HIS A 131 3.25 7.62 1.81
N VAL A 132 4.36 7.50 2.52
CA VAL A 132 5.07 8.63 3.09
C VAL A 132 6.43 8.72 2.40
N SER A 133 6.90 9.93 2.18
CA SER A 133 8.14 10.17 1.46
C SER A 133 9.11 10.98 2.31
N LEU A 134 10.36 10.56 2.30
CA LEU A 134 11.45 11.40 2.77
C LEU A 134 11.81 12.39 1.67
N CYS A 135 11.80 13.67 2.01
CA CYS A 135 11.93 14.72 1.00
C CYS A 135 13.05 15.69 1.38
N ALA A 136 13.79 16.14 0.37
CA ALA A 136 14.79 17.18 0.55
C ALA A 136 14.20 18.58 0.45
N LEU A 137 13.03 18.72 -0.16
CA LEU A 137 12.38 20.01 -0.34
C LEU A 137 10.88 19.86 -0.11
N GLY A 138 10.21 20.99 0.06
CA GLY A 138 8.77 21.03 0.16
C GLY A 138 8.20 21.03 1.55
N ARG A 139 9.03 21.06 2.59
CA ARG A 139 8.54 21.04 3.96
C ARG A 139 7.89 22.38 4.30
N ARG A 140 6.62 22.35 4.70
CA ARG A 140 5.90 23.55 5.10
C ARG A 140 5.49 23.46 6.57
N ARG A 141 4.32 22.86 6.83
CA ARG A 141 3.85 22.72 8.21
C ARG A 141 4.64 21.64 8.95
N GLY A 142 5.13 20.64 8.24
CA GLY A 142 5.82 19.55 8.90
C GLY A 142 7.08 20.01 9.61
N THR A 143 7.57 19.15 10.50
CA THR A 143 8.80 19.39 11.22
C THR A 143 9.94 18.61 10.59
N VAL A 144 11.17 19.04 10.90
CA VAL A 144 12.34 18.33 10.40
C VAL A 144 12.32 16.91 10.95
N ALA A 145 12.41 15.94 10.05
CA ALA A 145 12.39 14.55 10.45
C ALA A 145 13.54 14.25 11.40
N VAL A 146 13.27 13.42 12.39
CA VAL A 146 14.27 12.98 13.37
C VAL A 146 14.55 11.51 13.14
N TYR A 147 15.82 11.17 12.97
CA TYR A 147 16.26 9.80 12.77
C TYR A 147 17.04 9.33 13.99
N GLY A 148 16.75 8.11 14.43
CA GLY A 148 17.42 7.56 15.59
C GLY A 148 17.30 6.05 15.60
N HIS A 149 17.88 5.45 16.65
CA HIS A 149 17.89 4.00 16.79
C HIS A 149 16.82 3.49 17.75
N ASP A 150 16.28 4.36 18.61
CA ASP A 150 15.24 3.99 19.55
C ASP A 150 13.98 4.78 19.25
N ALA A 151 12.86 4.07 19.08
CA ALA A 151 11.59 4.74 18.79
C ALA A 151 11.22 5.74 19.88
N GLU A 152 11.45 5.37 21.15
CA GLU A 152 11.16 6.29 22.24
C GLU A 152 12.01 7.55 22.14
N TRP A 153 13.29 7.40 21.77
CA TRP A 153 14.16 8.56 21.66
C TRP A 153 13.66 9.52 20.58
N VAL A 154 13.21 8.99 19.44
CA VAL A 154 12.72 9.84 18.36
C VAL A 154 11.53 10.67 18.84
N VAL A 155 10.52 10.01 19.41
CA VAL A 155 9.33 10.72 19.85
C VAL A 155 9.67 11.71 20.95
N SER A 156 10.72 11.44 21.72
CA SER A 156 11.11 12.33 22.81
C SER A 156 11.61 13.67 22.29
N ARG A 157 12.22 13.69 21.11
CA ARG A 157 12.79 14.93 20.57
C ARG A 157 11.74 15.97 20.22
N PHE A 158 10.46 15.63 20.28
CA PHE A 158 9.39 16.54 19.88
C PHE A 158 8.66 17.03 21.13
N SER A 159 8.87 18.29 21.49
CA SER A 159 8.13 18.89 22.59
C SER A 159 6.67 19.14 22.23
N SER A 160 6.33 19.13 20.94
N SER A 160 6.34 19.13 20.94
CA SER A 160 4.95 19.34 20.50
CA SER A 160 4.95 19.33 20.50
C SER A 160 4.07 18.13 20.74
C SER A 160 4.07 18.13 20.74
N VAL A 161 4.58 17.08 21.38
CA VAL A 161 3.83 15.87 21.67
C VAL A 161 3.84 15.65 23.18
N SER A 162 2.66 15.69 23.79
CA SER A 162 2.57 15.51 25.23
C SER A 162 2.92 14.07 25.61
N LYS A 163 3.00 13.83 26.92
CA LYS A 163 3.33 12.49 27.40
C LYS A 163 2.24 11.49 27.05
N SER A 164 0.98 11.86 27.30
CA SER A 164 -0.14 10.97 26.98
C SER A 164 -0.12 10.60 25.50
N GLU A 165 0.02 11.59 24.63
CA GLU A 165 0.15 11.31 23.21
C GLU A 165 1.32 10.37 22.94
N ARG A 166 2.52 10.74 23.39
CA ARG A 166 3.70 9.91 23.21
C ARG A 166 3.43 8.47 23.62
N ALA A 167 2.73 8.27 24.74
CA ALA A 167 2.42 6.91 25.18
C ALA A 167 1.53 6.20 24.15
N HIS A 168 0.53 6.91 23.61
CA HIS A 168 -0.33 6.31 22.60
C HIS A 168 0.47 5.90 21.37
N ILE A 169 1.48 6.68 21.01
CA ILE A 169 2.29 6.37 19.83
C ILE A 169 3.08 5.08 20.07
N LEU A 170 3.87 5.06 21.15
CA LEU A 170 4.73 3.91 21.43
C LEU A 170 3.93 2.63 21.65
N GLN A 171 2.66 2.73 22.04
CA GLN A 171 1.85 1.54 22.19
C GLN A 171 1.69 0.82 20.86
N HIS A 172 1.43 1.56 19.79
CA HIS A 172 1.30 0.96 18.47
C HIS A 172 2.65 0.73 17.79
N VAL A 173 3.69 1.47 18.19
CA VAL A 173 5.01 1.27 17.61
C VAL A 173 5.68 0.05 18.25
N SER A 174 5.60 -0.06 19.58
CA SER A 174 6.22 -1.20 20.27
C SER A 174 5.56 -2.52 19.89
N SER A 175 4.31 -2.49 19.41
CA SER A 175 3.61 -3.70 19.04
C SER A 175 3.95 -4.21 17.65
N CYS A 176 4.78 -3.48 16.89
CA CYS A 176 5.18 -3.87 15.56
C CYS A 176 6.63 -4.34 15.58
N ARG A 177 6.84 -5.57 15.13
CA ARG A 177 8.19 -6.12 15.02
C ARG A 177 8.71 -5.83 13.61
N LEU A 178 9.87 -5.18 13.53
CA LEU A 178 10.42 -4.79 12.24
C LEU A 178 10.74 -5.98 11.34
N GLU A 179 10.88 -7.18 11.93
CA GLU A 179 11.23 -8.36 11.14
C GLU A 179 10.04 -8.86 10.32
N ASP A 180 8.83 -8.68 10.81
CA ASP A 180 7.63 -9.13 10.09
C ASP A 180 7.29 -8.23 8.90
N LEU A 181 8.01 -7.13 8.71
CA LEU A 181 7.74 -6.23 7.60
C LEU A 181 8.36 -6.76 6.32
N SER A 182 7.75 -6.40 5.19
CA SER A 182 8.26 -6.82 3.89
C SER A 182 9.56 -6.10 3.57
N THR A 183 10.31 -6.68 2.66
CA THR A 183 11.59 -6.11 2.24
C THR A 183 11.33 -4.97 1.26
N PRO A 184 11.77 -3.75 1.53
CA PRO A 184 11.57 -2.65 0.56
C PRO A 184 12.30 -2.92 -0.74
N ASN A 185 11.85 -2.24 -1.80
CA ASN A 185 12.33 -2.47 -3.15
C ASN A 185 13.42 -1.50 -3.58
N PHE A 186 13.94 -0.68 -2.67
CA PHE A 186 14.96 0.30 -3.04
C PHE A 186 16.15 -0.39 -3.70
N VAL A 187 16.64 0.22 -4.77
CA VAL A 187 17.88 -0.19 -5.41
C VAL A 187 18.74 1.04 -5.61
N SER A 188 20.04 0.88 -5.43
CA SER A 188 20.96 2.01 -5.57
C SER A 188 20.96 2.49 -7.02
N PRO A 189 20.77 3.79 -7.27
CA PRO A 189 20.81 4.28 -8.66
C PRO A 189 22.22 4.57 -9.15
N LEU A 190 23.23 4.00 -8.47
CA LEU A 190 24.61 4.21 -8.86
C LEU A 190 25.02 3.24 -9.96
N GLY B 1 4.82 -11.15 -13.62
CA GLY B 1 3.56 -10.58 -13.19
C GLY B 1 2.37 -11.07 -14.00
N LEU B 2 1.33 -11.50 -13.30
CA LEU B 2 0.10 -11.98 -13.93
C LEU B 2 -1.00 -10.93 -13.79
N TYR B 3 -1.96 -11.00 -14.70
CA TYR B 3 -3.15 -10.17 -14.66
C TYR B 3 -4.34 -11.03 -14.26
N VAL B 4 -5.26 -10.42 -13.51
CA VAL B 4 -6.49 -11.08 -13.08
C VAL B 4 -7.66 -10.17 -13.45
N GLY B 5 -8.76 -10.78 -13.89
CA GLY B 5 -9.92 -10.02 -14.28
C GLY B 5 -11.19 -10.83 -14.12
N GLY B 6 -12.29 -10.11 -13.97
CA GLY B 6 -13.60 -10.73 -13.86
C GLY B 6 -14.53 -9.88 -13.01
N PHE B 7 -15.79 -10.29 -13.00
CA PHE B 7 -16.78 -9.67 -12.15
C PHE B 7 -16.57 -10.10 -10.71
N VAL B 8 -16.96 -9.24 -9.78
CA VAL B 8 -16.72 -9.46 -8.36
C VAL B 8 -18.06 -9.53 -7.63
N ASP B 9 -18.11 -10.40 -6.62
N ASP B 9 -18.08 -10.30 -6.54
CA ASP B 9 -19.15 -10.32 -5.61
CA ASP B 9 -19.23 -10.31 -5.64
C ASP B 9 -18.79 -9.24 -4.61
C ASP B 9 -18.91 -9.48 -4.40
N VAL B 10 -19.81 -8.54 -4.10
CA VAL B 10 -19.61 -7.57 -3.03
C VAL B 10 -19.99 -8.22 -1.71
N VAL B 11 -19.02 -8.32 -0.80
CA VAL B 11 -19.21 -9.01 0.47
C VAL B 11 -18.88 -8.05 1.60
N SER B 12 -19.69 -8.10 2.65
CA SER B 12 -19.44 -7.37 3.89
C SER B 12 -19.34 -8.36 5.03
N CYS B 13 -18.41 -8.12 5.96
CA CYS B 13 -18.20 -9.01 7.09
C CYS B 13 -18.83 -8.39 8.33
N PRO B 14 -20.03 -8.81 8.73
CA PRO B 14 -20.67 -8.20 9.91
C PRO B 14 -20.15 -8.81 11.20
N LYS B 15 -20.71 -8.34 12.31
CA LYS B 15 -20.26 -8.74 13.64
C LYS B 15 -20.54 -10.21 13.90
N LEU B 16 -21.81 -10.56 14.05
CA LEU B 16 -22.16 -11.92 14.45
C LEU B 16 -22.22 -12.87 13.25
N GLU B 17 -22.91 -12.47 12.18
CA GLU B 17 -23.08 -13.35 11.04
C GLU B 17 -21.74 -13.58 10.33
N GLN B 18 -21.72 -14.57 9.45
CA GLN B 18 -20.50 -14.91 8.73
C GLN B 18 -20.25 -13.94 7.58
N GLU B 19 -21.03 -14.05 6.51
CA GLU B 19 -20.86 -13.20 5.33
C GLU B 19 -22.19 -12.58 4.93
N LEU B 20 -22.10 -11.42 4.29
CA LEU B 20 -23.25 -10.72 3.73
C LEU B 20 -22.91 -10.35 2.30
N TYR B 21 -23.61 -10.97 1.35
CA TYR B 21 -23.40 -10.69 -0.08
C TYR B 21 -24.37 -9.59 -0.49
N LEU B 22 -23.82 -8.43 -0.85
CA LEU B 22 -24.62 -7.28 -1.25
C LEU B 22 -24.93 -7.36 -2.74
N ASP B 23 -25.99 -6.66 -3.13
CA ASP B 23 -26.27 -6.50 -4.55
C ASP B 23 -25.33 -5.44 -5.12
N PRO B 24 -24.62 -5.71 -6.21
CA PRO B 24 -23.67 -4.72 -6.73
C PRO B 24 -24.25 -3.34 -6.94
N ASP B 25 -25.55 -3.23 -7.24
CA ASP B 25 -26.17 -1.93 -7.45
C ASP B 25 -26.13 -1.05 -6.21
N GLN B 26 -25.82 -1.60 -5.03
CA GLN B 26 -25.81 -0.83 -3.80
C GLN B 26 -24.56 0.02 -3.62
N VAL B 27 -23.52 -0.19 -4.42
CA VAL B 27 -22.26 0.52 -4.24
C VAL B 27 -21.78 1.12 -5.55
N THR B 28 -22.63 1.12 -6.57
CA THR B 28 -22.24 1.68 -7.86
C THR B 28 -22.00 3.19 -7.79
N ASP B 29 -22.57 3.87 -6.79
CA ASP B 29 -22.32 5.29 -6.61
C ASP B 29 -20.85 5.58 -6.33
N TYR B 30 -20.08 4.59 -5.92
CA TYR B 30 -18.68 4.77 -5.54
C TYR B 30 -17.73 4.20 -6.59
N LEU B 31 -18.19 4.11 -7.84
CA LEU B 31 -17.36 3.65 -8.95
C LEU B 31 -17.21 4.77 -9.97
N PRO B 32 -16.11 4.76 -10.76
CA PRO B 32 -15.03 3.77 -10.75
C PRO B 32 -14.03 3.97 -9.61
N VAL B 33 -13.26 2.93 -9.33
CA VAL B 33 -12.20 2.97 -8.32
C VAL B 33 -10.89 2.83 -9.08
N THR B 34 -10.17 3.94 -9.23
CA THR B 34 -8.86 3.93 -9.88
C THR B 34 -7.72 3.80 -8.90
N GLU B 35 -7.96 4.05 -7.62
CA GLU B 35 -6.91 3.88 -6.62
C GLU B 35 -6.61 2.38 -6.42
N PRO B 36 -5.36 1.99 -6.29
CA PRO B 36 -5.05 0.57 -6.10
C PRO B 36 -5.61 0.04 -4.79
N LEU B 37 -6.42 -1.02 -4.89
CA LEU B 37 -6.81 -1.79 -3.73
C LEU B 37 -5.92 -3.02 -3.60
N PRO B 38 -5.53 -3.43 -2.41
CA PRO B 38 -4.73 -4.65 -2.29
C PRO B 38 -5.55 -5.89 -2.65
N ILE B 39 -4.91 -6.82 -3.34
CA ILE B 39 -5.50 -8.11 -3.66
C ILE B 39 -4.94 -9.14 -2.68
N THR B 40 -5.82 -9.73 -1.88
CA THR B 40 -5.44 -10.71 -0.88
C THR B 40 -6.08 -12.06 -1.22
N ILE B 41 -5.88 -13.04 -0.34
N ILE B 41 -5.87 -13.04 -0.34
CA ILE B 41 -6.40 -14.38 -0.51
CA ILE B 41 -6.41 -14.39 -0.52
C ILE B 41 -7.36 -14.68 0.63
C ILE B 41 -7.37 -14.66 0.63
N GLU B 42 -8.63 -14.93 0.29
CA GLU B 42 -9.67 -15.25 1.27
C GLU B 42 -9.70 -14.24 2.41
N HIS B 43 -9.52 -12.97 2.07
CA HIS B 43 -9.66 -11.88 3.04
C HIS B 43 -8.65 -11.99 4.18
N LEU B 44 -7.51 -12.65 3.93
CA LEU B 44 -6.48 -12.73 4.96
C LEU B 44 -5.51 -11.56 4.81
N PRO B 45 -5.14 -10.90 5.91
CA PRO B 45 -4.38 -9.64 5.77
C PRO B 45 -2.96 -9.83 5.27
N GLU B 46 -2.29 -10.90 5.69
CA GLU B 46 -0.89 -11.13 5.35
C GLU B 46 -0.71 -11.87 4.02
N THR B 47 -1.68 -11.77 3.11
CA THR B 47 -1.63 -12.50 1.86
C THR B 47 -1.78 -11.57 0.66
N GLU B 48 -1.27 -10.35 0.76
CA GLU B 48 -1.30 -9.44 -0.37
C GLU B 48 -0.44 -9.99 -1.50
N VAL B 49 -1.06 -10.28 -2.65
CA VAL B 49 -0.35 -10.80 -3.81
C VAL B 49 -0.31 -9.80 -4.95
N GLY B 50 -0.94 -8.64 -4.81
CA GLY B 50 -0.93 -7.65 -5.88
C GLY B 50 -1.84 -6.49 -5.56
N TRP B 51 -2.25 -5.80 -6.62
CA TRP B 51 -3.06 -4.59 -6.49
C TRP B 51 -4.05 -4.52 -7.64
N THR B 52 -5.22 -3.95 -7.36
CA THR B 52 -6.20 -3.69 -8.41
C THR B 52 -5.74 -2.53 -9.28
N LEU B 53 -6.08 -2.61 -10.56
CA LEU B 53 -5.80 -1.55 -11.51
C LEU B 53 -7.04 -0.74 -11.87
N GLY B 54 -8.21 -1.17 -11.45
CA GLY B 54 -9.43 -0.46 -11.75
C GLY B 54 -10.67 -1.30 -11.50
N LEU B 55 -11.70 -0.68 -10.91
CA LEU B 55 -13.00 -1.31 -10.73
C LEU B 55 -14.03 -0.47 -11.47
N PHE B 56 -14.66 -1.07 -12.47
CA PHE B 56 -15.56 -0.35 -13.36
C PHE B 56 -16.94 -0.98 -13.35
N GLN B 57 -17.96 -0.13 -13.46
CA GLN B 57 -19.33 -0.60 -13.61
C GLN B 57 -19.54 -0.98 -15.08
N VAL B 58 -19.76 -2.27 -15.33
CA VAL B 58 -19.91 -2.79 -16.68
C VAL B 58 -21.22 -3.57 -16.74
N SER B 59 -22.13 -3.12 -17.60
CA SER B 59 -23.41 -3.79 -17.82
C SER B 59 -24.09 -4.16 -16.50
N HIS B 60 -24.09 -5.45 -16.16
CA HIS B 60 -24.91 -5.91 -15.05
C HIS B 60 -24.26 -5.70 -13.69
N GLY B 61 -22.93 -5.70 -13.61
CA GLY B 61 -22.24 -5.68 -12.34
C GLY B 61 -20.95 -4.88 -12.36
N ILE B 62 -20.02 -5.29 -11.50
CA ILE B 62 -18.76 -4.60 -11.28
C ILE B 62 -17.64 -5.47 -11.83
N PHE B 63 -16.91 -4.96 -12.82
CA PHE B 63 -15.79 -5.68 -13.42
C PHE B 63 -14.48 -5.20 -12.82
N CYS B 64 -13.64 -6.15 -12.43
CA CYS B 64 -12.36 -5.87 -11.77
C CYS B 64 -11.20 -6.25 -12.67
N THR B 65 -10.15 -5.42 -12.64
CA THR B 65 -8.89 -5.73 -13.29
C THR B 65 -7.76 -5.43 -12.32
N GLY B 66 -6.85 -6.39 -12.16
CA GLY B 66 -5.76 -6.26 -11.22
C GLY B 66 -4.51 -6.92 -11.74
N ALA B 67 -3.44 -6.78 -10.96
CA ALA B 67 -2.14 -7.33 -11.31
C ALA B 67 -1.61 -8.10 -10.11
N ILE B 68 -1.16 -9.32 -10.35
CA ILE B 68 -0.55 -10.16 -9.32
C ILE B 68 0.96 -9.99 -9.48
N THR B 69 1.59 -9.38 -8.47
CA THR B 69 2.98 -8.97 -8.56
C THR B 69 3.89 -9.63 -7.53
N SER B 70 3.33 -10.28 -6.52
CA SER B 70 4.15 -10.89 -5.48
C SER B 70 5.05 -11.97 -6.08
N PRO B 71 6.37 -11.87 -5.96
CA PRO B 71 7.23 -12.94 -6.50
C PRO B 71 7.19 -14.20 -5.67
N ALA B 72 7.05 -14.09 -4.36
CA ALA B 72 6.96 -15.28 -3.51
C ALA B 72 5.73 -16.10 -3.87
N PHE B 73 4.62 -15.43 -4.17
CA PHE B 73 3.40 -16.15 -4.52
C PHE B 73 3.48 -16.73 -5.93
N LEU B 74 4.03 -15.97 -6.87
CA LEU B 74 4.12 -16.45 -8.25
C LEU B 74 5.02 -17.67 -8.34
N GLU B 75 6.18 -17.63 -7.69
CA GLU B 75 7.06 -18.79 -7.70
C GLU B 75 6.41 -19.98 -7.01
N LEU B 76 5.71 -19.75 -5.90
CA LEU B 76 5.08 -20.83 -5.17
C LEU B 76 3.96 -21.47 -5.98
N ALA B 77 3.16 -20.65 -6.66
CA ALA B 77 2.07 -21.17 -7.46
C ALA B 77 2.58 -21.95 -8.67
N SER B 78 3.65 -21.46 -9.31
CA SER B 78 4.23 -22.18 -10.44
C SER B 78 4.78 -23.52 -10.02
N ARG B 79 5.47 -23.57 -8.87
CA ARG B 79 6.03 -24.83 -8.39
C ARG B 79 4.92 -25.84 -8.09
N LEU B 80 3.85 -25.39 -7.44
CA LEU B 80 2.72 -26.29 -7.18
C LEU B 80 2.08 -26.76 -8.47
N ALA B 81 1.88 -25.85 -9.42
CA ALA B 81 1.29 -26.23 -10.70
C ALA B 81 2.08 -27.32 -11.39
N ASP B 82 3.41 -27.33 -11.21
CA ASP B 82 4.27 -28.27 -11.89
C ASP B 82 4.49 -29.58 -11.12
N THR B 83 4.42 -29.53 -9.79
CA THR B 83 4.89 -30.64 -8.98
C THR B 83 3.88 -31.21 -8.00
N SER B 84 2.78 -30.52 -7.72
CA SER B 84 1.78 -31.02 -6.78
C SER B 84 0.72 -31.81 -7.53
N HIS B 85 0.64 -33.11 -7.27
CA HIS B 85 -0.43 -33.93 -7.83
C HIS B 85 -1.78 -33.54 -7.24
N VAL B 86 -1.80 -33.08 -5.99
CA VAL B 86 -3.04 -32.63 -5.36
C VAL B 86 -3.59 -31.42 -6.12
N ALA B 87 -2.74 -30.42 -6.35
CA ALA B 87 -3.18 -29.22 -7.04
C ALA B 87 -3.59 -29.53 -8.48
N ARG B 88 -2.90 -30.44 -9.13
CA ARG B 88 -3.18 -30.77 -10.53
C ARG B 88 -4.40 -31.66 -10.68
N ALA B 89 -4.76 -32.42 -9.65
CA ALA B 89 -5.79 -33.45 -9.79
C ALA B 89 -7.12 -32.92 -10.32
N PRO B 90 -7.67 -31.81 -9.82
CA PRO B 90 -8.99 -31.37 -10.28
C PRO B 90 -9.01 -30.75 -11.67
N VAL B 91 -7.87 -30.66 -12.34
CA VAL B 91 -7.80 -30.02 -13.65
C VAL B 91 -7.88 -31.09 -14.73
N PRO B 98 0.48 -24.74 -17.13
CA PRO B 98 -0.77 -24.99 -16.41
C PRO B 98 -0.99 -24.03 -15.24
N LEU B 99 -0.11 -23.03 -15.09
CA LEU B 99 -0.27 -22.07 -14.01
C LEU B 99 -1.63 -21.38 -14.08
N LEU B 100 -2.04 -20.95 -15.27
CA LEU B 100 -3.28 -20.20 -15.41
C LEU B 100 -4.49 -21.05 -15.07
N GLU B 101 -4.47 -22.34 -15.43
CA GLU B 101 -5.60 -23.20 -15.11
C GLU B 101 -5.61 -23.62 -13.64
N ILE B 102 -4.44 -23.78 -13.04
CA ILE B 102 -4.37 -24.06 -11.60
C ILE B 102 -4.98 -22.90 -10.81
N LEU B 103 -4.62 -21.67 -11.18
CA LEU B 103 -5.17 -20.51 -10.50
C LEU B 103 -6.68 -20.38 -10.72
N HIS B 104 -7.13 -20.61 -11.95
CA HIS B 104 -8.56 -20.55 -12.27
C HIS B 104 -9.33 -21.63 -11.53
N THR B 105 -8.70 -22.79 -11.28
CA THR B 105 -9.39 -23.92 -10.67
C THR B 105 -9.53 -23.75 -9.16
N TRP B 106 -8.45 -23.33 -8.49
CA TRP B 106 -8.45 -23.28 -7.03
C TRP B 106 -8.90 -21.92 -6.48
N LEU B 107 -8.72 -20.84 -7.23
CA LEU B 107 -9.12 -19.50 -6.81
C LEU B 107 -10.06 -18.92 -7.86
N PRO B 108 -11.29 -19.45 -7.96
CA PRO B 108 -12.14 -19.14 -9.11
C PRO B 108 -12.99 -17.88 -8.97
N GLY B 109 -12.95 -17.19 -7.84
CA GLY B 109 -13.85 -16.07 -7.60
C GLY B 109 -13.13 -14.87 -7.01
N LEU B 110 -13.69 -13.70 -7.30
CA LEU B 110 -13.20 -12.43 -6.77
C LEU B 110 -14.26 -11.84 -5.84
N SER B 111 -13.82 -11.37 -4.67
CA SER B 111 -14.71 -10.76 -3.69
C SER B 111 -14.22 -9.37 -3.36
N LEU B 112 -15.09 -8.38 -3.52
CA LEU B 112 -14.80 -6.99 -3.17
C LEU B 112 -15.35 -6.74 -1.77
N SER B 113 -14.46 -6.47 -0.82
CA SER B 113 -14.85 -6.22 0.55
C SER B 113 -15.32 -4.79 0.71
N SER B 114 -16.50 -4.62 1.31
CA SER B 114 -17.12 -3.31 1.44
C SER B 114 -17.65 -3.13 2.86
N ILE B 115 -17.80 -1.88 3.27
CA ILE B 115 -18.39 -1.58 4.57
C ILE B 115 -19.87 -1.96 4.56
N HIS B 116 -20.37 -2.35 5.73
CA HIS B 116 -21.76 -2.73 5.85
C HIS B 116 -22.66 -1.63 5.28
N PRO B 117 -23.76 -1.97 4.62
CA PRO B 117 -24.62 -0.90 4.06
C PRO B 117 -25.21 0.03 5.11
N ARG B 118 -25.21 -0.36 6.39
CA ARG B 118 -25.68 0.55 7.44
C ARG B 118 -24.96 1.88 7.37
N GLU B 119 -23.64 1.85 7.32
CA GLU B 119 -22.83 3.06 7.32
C GLU B 119 -22.64 3.59 5.91
N LEU B 120 -23.63 3.34 5.05
CA LEU B 120 -23.53 3.73 3.65
C LEU B 120 -24.27 5.04 3.36
N GLY B 126 -14.47 6.36 6.91
CA GLY B 126 -13.42 5.64 6.18
C GLY B 126 -13.84 5.26 4.78
N PRO B 127 -12.92 4.67 4.01
CA PRO B 127 -13.25 4.27 2.64
C PRO B 127 -14.35 3.22 2.62
N VAL B 128 -14.96 3.07 1.43
CA VAL B 128 -16.02 2.10 1.26
C VAL B 128 -15.44 0.70 1.07
N PHE B 129 -14.37 0.59 0.29
CA PHE B 129 -13.81 -0.70 -0.10
C PHE B 129 -12.47 -0.90 0.59
N GLN B 130 -12.27 -2.10 1.15
CA GLN B 130 -11.02 -2.44 1.83
C GLN B 130 -10.03 -3.17 0.93
N HIS B 131 -10.50 -4.10 0.11
CA HIS B 131 -9.60 -4.90 -0.70
C HIS B 131 -10.44 -5.77 -1.64
N VAL B 132 -9.76 -6.38 -2.60
CA VAL B 132 -10.30 -7.47 -3.41
C VAL B 132 -9.58 -8.74 -2.97
N SER B 133 -10.30 -9.86 -2.96
CA SER B 133 -9.72 -11.13 -2.55
C SER B 133 -9.92 -12.16 -3.63
N LEU B 134 -8.87 -12.92 -3.92
CA LEU B 134 -8.99 -14.17 -4.65
C LEU B 134 -9.53 -15.22 -3.68
N CYS B 135 -10.67 -15.83 -4.02
CA CYS B 135 -11.40 -16.66 -3.08
C CYS B 135 -11.49 -18.09 -3.59
N ALA B 136 -11.21 -19.04 -2.68
CA ALA B 136 -11.42 -20.45 -2.93
C ALA B 136 -12.70 -20.98 -2.30
N LEU B 137 -13.26 -20.27 -1.33
CA LEU B 137 -14.44 -20.72 -0.61
C LEU B 137 -15.70 -19.98 -1.04
N GLY B 138 -15.64 -19.21 -2.12
CA GLY B 138 -16.74 -18.37 -2.52
C GLY B 138 -17.90 -19.13 -3.12
N ARG B 139 -18.88 -18.37 -3.58
CA ARG B 139 -20.09 -18.93 -4.17
C ARG B 139 -19.83 -19.36 -5.61
N ARG B 140 -20.72 -20.21 -6.11
CA ARG B 140 -20.70 -20.63 -7.51
C ARG B 140 -21.53 -19.73 -8.40
N ARG B 141 -21.65 -18.44 -8.05
CA ARG B 141 -22.43 -17.49 -8.82
C ARG B 141 -21.80 -16.12 -8.68
N GLY B 142 -22.02 -15.27 -9.68
CA GLY B 142 -21.71 -13.87 -9.61
C GLY B 142 -20.28 -13.48 -9.97
N THR B 143 -19.34 -14.43 -9.94
CA THR B 143 -17.94 -14.07 -10.13
C THR B 143 -17.17 -15.25 -10.71
N VAL B 144 -16.38 -14.98 -11.75
CA VAL B 144 -15.47 -15.95 -12.34
C VAL B 144 -14.14 -15.24 -12.56
N ALA B 145 -13.09 -15.69 -11.86
CA ALA B 145 -11.77 -15.10 -11.97
C ALA B 145 -11.02 -15.72 -13.14
N VAL B 146 -10.45 -14.88 -13.99
CA VAL B 146 -9.65 -15.32 -15.13
C VAL B 146 -8.25 -14.73 -14.99
N TYR B 147 -7.24 -15.59 -15.12
CA TYR B 147 -5.84 -15.18 -14.99
C TYR B 147 -5.14 -15.31 -16.34
N GLY B 148 -4.35 -14.28 -16.68
CA GLY B 148 -3.66 -14.26 -17.95
C GLY B 148 -2.37 -13.47 -17.87
N HIS B 149 -1.56 -13.61 -18.93
CA HIS B 149 -0.24 -12.98 -18.96
C HIS B 149 -0.29 -11.53 -19.42
N ASP B 150 -1.40 -11.08 -20.01
CA ASP B 150 -1.57 -9.68 -20.36
C ASP B 150 -3.03 -9.31 -20.18
N ALA B 151 -3.30 -8.00 -20.18
CA ALA B 151 -4.64 -7.51 -19.89
C ALA B 151 -5.61 -7.83 -21.02
N GLU B 152 -5.19 -7.60 -22.27
CA GLU B 152 -6.08 -7.89 -23.40
C GLU B 152 -6.56 -9.33 -23.38
N TRP B 153 -5.66 -10.27 -23.10
CA TRP B 153 -6.03 -11.67 -23.08
C TRP B 153 -7.12 -11.93 -22.04
N VAL B 154 -7.07 -11.23 -20.91
CA VAL B 154 -8.05 -11.47 -19.85
C VAL B 154 -9.41 -10.94 -20.24
N VAL B 155 -9.49 -9.65 -20.60
CA VAL B 155 -10.77 -9.03 -20.90
C VAL B 155 -11.39 -9.61 -22.16
N SER B 156 -10.59 -10.20 -23.04
CA SER B 156 -11.13 -10.72 -24.30
C SER B 156 -11.97 -11.98 -24.09
N ARG B 157 -11.87 -12.63 -22.93
CA ARG B 157 -12.61 -13.85 -22.65
C ARG B 157 -13.89 -13.59 -21.85
N PHE B 158 -14.51 -12.43 -22.06
CA PHE B 158 -15.78 -12.09 -21.44
C PHE B 158 -16.72 -11.57 -22.52
N SER B 159 -17.92 -12.12 -22.57
CA SER B 159 -18.88 -11.79 -23.62
C SER B 159 -19.84 -10.67 -23.23
N SER B 160 -20.04 -10.43 -21.94
CA SER B 160 -20.96 -9.39 -21.50
C SER B 160 -20.33 -8.01 -21.50
N VAL B 161 -19.06 -7.89 -21.89
CA VAL B 161 -18.36 -6.60 -21.94
C VAL B 161 -18.41 -6.09 -23.37
N SER B 162 -19.05 -4.94 -23.57
CA SER B 162 -19.21 -4.38 -24.90
C SER B 162 -17.86 -3.97 -25.48
N LYS B 163 -17.83 -3.82 -26.81
CA LYS B 163 -16.61 -3.42 -27.49
C LYS B 163 -16.09 -2.10 -26.93
N SER B 164 -16.99 -1.14 -26.66
CA SER B 164 -16.55 0.13 -26.10
C SER B 164 -16.05 -0.03 -24.68
N GLU B 165 -16.77 -0.78 -23.85
CA GLU B 165 -16.35 -0.99 -22.47
C GLU B 165 -15.02 -1.72 -22.42
N ARG B 166 -14.79 -2.67 -23.33
CA ARG B 166 -13.49 -3.32 -23.42
C ARG B 166 -12.39 -2.31 -23.70
N ALA B 167 -12.69 -1.29 -24.52
CA ALA B 167 -11.67 -0.30 -24.87
C ALA B 167 -11.35 0.62 -23.70
N HIS B 168 -12.37 1.07 -22.98
CA HIS B 168 -12.14 1.95 -21.83
C HIS B 168 -11.27 1.26 -20.79
N ILE B 169 -11.61 0.01 -20.45
CA ILE B 169 -10.85 -0.72 -19.44
C ILE B 169 -9.39 -0.85 -19.87
N LEU B 170 -9.16 -1.33 -21.09
CA LEU B 170 -7.79 -1.57 -21.54
C LEU B 170 -7.00 -0.26 -21.60
N GLN B 171 -7.61 0.80 -22.12
CA GLN B 171 -6.94 2.09 -22.15
C GLN B 171 -6.48 2.51 -20.76
N HIS B 172 -7.29 2.21 -19.73
CA HIS B 172 -6.93 2.57 -18.37
C HIS B 172 -5.80 1.69 -17.85
N VAL B 173 -5.85 0.39 -18.16
CA VAL B 173 -4.82 -0.53 -17.69
C VAL B 173 -3.47 -0.18 -18.33
N SER B 174 -3.49 0.19 -19.62
CA SER B 174 -2.24 0.53 -20.30
C SER B 174 -1.57 1.73 -19.67
N SER B 175 -2.35 2.66 -19.12
CA SER B 175 -1.77 3.82 -18.45
C SER B 175 -1.09 3.44 -17.14
N CYS B 176 -1.44 2.29 -16.56
CA CYS B 176 -0.84 1.86 -15.31
C CYS B 176 0.48 1.13 -15.59
N ARG B 177 1.55 1.59 -14.95
CA ARG B 177 2.83 0.91 -14.99
C ARG B 177 3.00 0.14 -13.69
N LEU B 178 3.35 -1.14 -13.80
CA LEU B 178 3.43 -2.00 -12.62
C LEU B 178 4.60 -1.64 -11.72
N GLU B 179 5.59 -0.89 -12.22
CA GLU B 179 6.72 -0.50 -11.39
C GLU B 179 6.33 0.49 -10.30
N ASP B 180 5.25 1.24 -10.49
CA ASP B 180 4.79 2.20 -9.50
C ASP B 180 4.02 1.56 -8.36
N LEU B 181 3.68 0.27 -8.45
CA LEU B 181 2.94 -0.40 -7.41
C LEU B 181 3.86 -0.76 -6.24
N SER B 182 3.30 -0.72 -5.04
CA SER B 182 4.08 -0.96 -3.83
C SER B 182 4.30 -2.46 -3.62
N THR B 183 5.26 -2.76 -2.77
CA THR B 183 5.61 -4.14 -2.47
C THR B 183 4.47 -4.82 -1.71
N PRO B 184 3.89 -5.90 -2.22
CA PRO B 184 2.91 -6.65 -1.43
C PRO B 184 3.58 -7.49 -0.36
N ASN B 185 2.80 -7.85 0.66
CA ASN B 185 3.32 -8.43 1.89
C ASN B 185 3.11 -9.94 1.99
N PHE B 186 2.76 -10.61 0.90
CA PHE B 186 2.52 -12.05 0.97
C PHE B 186 3.71 -12.76 1.60
N VAL B 187 3.42 -13.62 2.57
CA VAL B 187 4.42 -14.53 3.14
C VAL B 187 3.82 -15.93 3.08
N SER B 188 4.64 -16.90 2.71
CA SER B 188 4.17 -18.27 2.58
C SER B 188 3.80 -18.82 3.95
N PRO B 189 2.64 -19.49 4.09
CA PRO B 189 2.27 -19.99 5.43
C PRO B 189 3.04 -21.22 5.88
N LEU B 190 3.54 -22.04 4.97
CA LEU B 190 4.17 -23.30 5.35
C LEU B 190 5.69 -23.31 5.25
N GLU B 191 6.30 -22.29 4.65
CA GLU B 191 7.76 -22.18 4.58
C GLU B 191 8.17 -20.86 5.19
N THR B 192 8.07 -20.78 6.52
CA THR B 192 8.40 -19.57 7.26
C THR B 192 9.90 -19.36 7.31
C10 8N4 C . 22.54 12.15 0.64
C13 8N4 C . 20.29 10.34 0.50
C17 8N4 C . 20.51 11.47 -6.93
C20 8N4 C . 21.20 10.27 -9.34
C21 8N4 C . 22.00 11.26 -8.81
C22 8N4 C . 21.66 11.86 -7.60
C28 8N4 C . 17.25 8.72 -5.23
C01 8N4 C . 19.48 15.18 -3.61
C02 8N4 C . 19.11 15.43 -2.31
C03 8N4 C . 18.95 14.38 -1.43
C04 8N4 C . 19.16 13.07 -1.85
N05 8N4 C . 19.53 12.84 -3.14
C06 8N4 C . 19.70 13.87 -4.02
C07 8N4 C . 18.99 11.88 -0.91
C08 8N4 C . 20.11 11.79 0.12
C09 8N4 C . 21.44 12.33 -0.40
C11 8N4 C . 22.62 10.72 1.12
C12 8N4 C . 21.28 10.26 1.63
C14 8N4 C . 20.10 13.51 -5.45
O15 8N4 C . 20.35 14.33 -6.30
N16 8N4 C . 20.15 12.08 -5.69
C18 8N4 C . 19.71 10.46 -7.46
C19 8N4 C . 20.06 9.86 -8.67
C23 8N4 C . 21.58 9.60 -10.65
O24 8N4 C . 22.20 8.50 -10.65
O25 8N4 C . 21.27 10.15 -11.75
N26 8N4 C . 18.52 10.02 -6.82
C27 8N4 C . 18.45 9.35 -5.56
C29 8N4 C . 17.11 8.06 -4.03
C30 8N4 C . 18.18 8.00 -3.13
C31 8N4 C . 19.38 8.63 -3.46
C32 8N4 C . 19.51 9.29 -4.67
O33 8N4 C . 20.45 8.58 -2.54
C34 8N4 C . 21.26 7.42 -2.62
F35 8N4 C . 21.36 7.03 -3.91
F36 8N4 C . 22.47 7.70 -2.15
F37 8N4 C . 20.68 6.45 -1.90
H1 8N4 C . 22.33 12.72 1.39
H2 8N4 C . 23.39 12.42 0.25
H3 8N4 C . 19.44 9.96 0.79
H4 8N4 C . 20.62 9.83 -0.26
H5 8N4 C . 22.81 11.54 -9.28
H6 8N4 C . 22.21 12.57 -7.23
H7 8N4 C . 16.50 8.76 -5.86
H8 8N4 C . 19.60 15.92 -4.24
H9 8N4 C . 18.96 16.35 -2.01
H10 8N4 C . 18.69 14.56 -0.51
H11 8N4 C . 19.00 11.06 -1.43
H12 8N4 C . 18.13 11.95 -0.44
H13 8N4 C . 19.86 12.30 0.91
H14 8N4 C . 21.69 11.85 -1.23
H15 8N4 C . 21.34 13.27 -0.60
H16 8N4 C . 22.88 10.14 0.37
H17 8N4 C . 23.29 10.64 1.83
H18 8N4 C . 21.34 9.33 1.96
H19 8N4 C . 20.98 10.84 2.35
H20 8N4 C . 19.94 11.53 -4.99
H21 8N4 C . 19.50 9.16 -9.05
H23 8N4 C . 17.72 10.21 -7.23
H24 8N4 C . 16.26 7.62 -3.80
H25 8N4 C . 18.08 7.53 -2.28
H26 8N4 C . 20.35 9.73 -4.88
C10 8N4 D . -2.74 -21.23 -4.82
C13 8N4 D . -2.92 -24.02 -5.58
C17 8N4 D . 1.04 -25.06 -0.53
C20 8N4 D . 3.22 -23.89 0.67
C21 8N4 D . 3.38 -25.07 -0.04
C22 8N4 D . 2.28 -25.66 -0.66
C28 8N4 D . 0.10 -21.44 -1.33
C01 8N4 D . -2.29 -28.25 -2.74
C02 8N4 D . -3.44 -28.23 -3.48
C03 8N4 D . -4.09 -27.04 -3.74
C04 8N4 D . -3.57 -25.85 -3.26
N05 8N4 D . -2.42 -25.87 -2.53
C06 8N4 D . -1.77 -27.04 -2.25
C07 8N4 D . -4.23 -24.51 -3.53
C08 8N4 D . -3.20 -23.58 -4.16
C09 8N4 D . -3.74 -22.15 -4.15
C11 8N4 D . -2.55 -21.70 -6.26
C12 8N4 D . -1.96 -23.08 -6.23
C14 8N4 D . -0.48 -26.93 -1.44
O15 8N4 D . 0.17 -27.89 -1.07
N16 8N4 D . -0.12 -25.58 -1.20
C18 8N4 D . 0.90 -23.86 0.14
C19 8N4 D . 1.98 -23.28 0.76
C23 8N4 D . 4.40 -23.24 1.34
O24 8N4 D . 5.57 -23.52 0.96
O25 8N4 D . 4.21 -22.39 2.24
N26 8N4 D . -0.40 -23.29 0.21
C27 8N4 D . -0.65 -21.99 -0.29
C29 8N4 D . -0.19 -20.17 -1.79
C30 8N4 D . -1.24 -19.45 -1.23
C31 8N4 D . -1.98 -19.99 -0.19
C32 8N4 D . -1.70 -21.26 0.27
O33 8N4 D . -3.06 -19.28 0.39
C34 8N4 D . -2.76 -18.63 1.60
F35 8N4 D . -3.67 -17.66 1.79
F36 8N4 D . -1.54 -18.08 1.54
F37 8N4 D . -2.81 -19.50 2.60
H1 8N4 D . -1.88 -21.30 -4.36
H2 8N4 D . -3.06 -20.31 -4.81
H3 8N4 D . -3.76 -24.04 -6.09
H4 8N4 D . -2.54 -24.92 -5.56
H5 8N4 D . 4.26 -25.49 -0.10
H6 8N4 D . 2.39 -26.48 -1.16
H7 8N4 D . 0.83 -21.96 -1.72
H8 8N4 D . -1.83 -29.09 -2.55
H9 8N4 D . -3.81 -29.07 -3.81
H10 8N4 D . -4.91 -27.04 -4.27
H11 8N4 D . -4.56 -24.12 -2.69
H12 8N4 D . -4.98 -24.62 -4.16
H13 8N4 D . -2.38 -23.61 -3.63
H14 8N4 D . -3.89 -21.86 -3.23
H15 8N4 D . -4.58 -22.13 -4.66
H16 8N4 D . -3.42 -21.73 -6.70
H17 8N4 D . -1.96 -21.08 -6.74
H18 8N4 D . -1.76 -23.38 -7.15
H19 8N4 D . -1.12 -23.07 -5.72
H20 8N4 D . -0.67 -24.94 -1.56
H21 8N4 D . 1.88 -22.45 1.26
H23 8N4 D . -1.11 -23.86 0.26
H24 8N4 D . 0.34 -19.78 -2.51
H25 8N4 D . -1.44 -18.55 -1.56
H26 8N4 D . -2.22 -21.65 0.99
C10 8N4 E . -6.19 -25.00 -0.41
C13 8N4 E . -6.26 -23.41 1.72
C17 8N4 E . -11.42 -22.45 5.50
C20 8N4 E . -13.53 -23.41 7.03
C21 8N4 E . -12.92 -22.21 7.36
C22 8N4 E . -11.86 -21.73 6.60
C28 8N4 E . -10.06 -25.65 2.69
C01 8N4 E . -7.41 -19.58 4.27
C02 8N4 E . -6.50 -19.25 3.30
C03 8N4 E . -6.52 -19.88 2.08
C04 8N4 E . -7.48 -20.85 1.82
N05 8N4 E . -8.38 -21.19 2.80
C06 8N4 E . -8.35 -20.57 4.02
C07 8N4 E . -7.53 -21.58 0.49
C08 8N4 E . -6.44 -22.63 0.43
C09 8N4 E . -6.78 -23.62 -0.67
C11 8N4 E . -4.85 -24.90 0.32
C12 8N4 E . -4.98 -24.18 1.64
C14 8N4 E . -9.38 -20.98 5.07
O15 8N4 E . -9.38 -20.48 6.17
N16 8N4 E . -10.35 -21.96 4.66
C18 8N4 E . -12.04 -23.64 5.16
C19 8N4 E . -13.10 -24.12 5.92
C23 8N4 E . -14.68 -23.93 7.88
O24 8N4 E . -15.82 -24.09 7.37
O25 8N4 E . -14.50 -24.19 9.09
N26 8N4 E . -11.60 -24.36 4.00
C27 8N4 E . -10.36 -25.05 3.91
C29 8N4 E . -8.87 -26.32 2.52
C30 8N4 E . -7.96 -26.42 3.57
C31 8N4 E . -8.26 -25.83 4.79
C32 8N4 E . -9.46 -25.14 4.97
O33 8N4 E . -7.31 -25.95 5.85
C34 8N4 E . -6.25 -25.03 5.82
F35 8N4 E . -5.52 -25.18 6.93
F36 8N4 E . -5.48 -25.27 4.76
F37 8N4 E . -6.74 -23.77 5.76
H1 8N4 E . -6.05 -25.46 -1.26
H2 8N4 E . -6.81 -25.52 0.13
H3 8N4 E . -7.01 -24.02 1.83
H4 8N4 E . -6.24 -22.79 2.48
H5 8N4 E . -13.22 -21.71 8.15
H6 8N4 E . -11.43 -20.89 6.83
H7 8N4 E . -10.69 -25.57 1.95
H8 8N4 E . -7.39 -19.14 5.14
H9 8N4 E . -5.84 -18.55 3.48
H10 8N4 E . -5.88 -19.63 1.39
H11 8N4 E . -8.39 -22.00 0.39
H12 8N4 E . -7.40 -20.94 -0.24
H13 8N4 E . -5.59 -22.19 0.20
H14 8N4 E . -6.44 -23.28 -1.54
H15 8N4 E . -7.75 -23.70 -0.74
H16 8N4 E . -4.51 -25.80 0.47
H17 8N4 E . -4.21 -24.42 -0.25
H18 8N4 E . -4.23 -23.55 1.73
H19 8N4 E . -4.94 -24.83 2.37
H20 8N4 E . -10.31 -22.28 3.82
H21 8N4 E . -13.53 -24.96 5.68
H23 8N4 E . -12.04 -24.18 3.23
H24 8N4 E . -8.66 -26.73 1.65
H25 8N4 E . -7.12 -26.90 3.45
H26 8N4 E . -9.66 -24.74 5.83
#